data_2VEG
#
_entry.id   2VEG
#
_cell.length_a   45.653
_cell.length_b   90.617
_cell.length_c   136.602
_cell.angle_alpha   90.00
_cell.angle_beta   90.00
_cell.angle_gamma   90.00
#
_symmetry.space_group_name_H-M   'P 21 21 21'
#
loop_
_entity.id
_entity.type
_entity.pdbx_description
1 polymer 'DIHYDROPTEROATE SYNTHASE'
2 non-polymer PTERIN-6-YL-METHYL-MONOPHOSPHATE
3 non-polymer 'PHOSPHATE ION'
4 water water
#
_entity_poly.entity_id   1
_entity_poly.type   'polypeptide(L)'
_entity_poly.pdbx_seq_one_letter_code
;MSSKANHAKTVICGIINVTPDSFSDGGQFFALEQALQQARKLIAEGASMLDIGGESTRPGSSYVEIEEEIQRVVPVIKAI
RKESDVLISIDTWKSQVAEAALAAGADLVNDITGLMGDEKMPHVVAEARAQVVIMFNPVMARPQHPSSLIFPHFGFGQAF
TEEELADFETLPIEELMEAFFERALARAAEAGIAPENILLDPGIGFGLTKKENLLLLRDLDKLHQKGYPIFLGVSRKRFV
INILEENGFEVNPETELGFRNRDTASAHVTSIAARQGVEVVRVHDVASHRMAVEIASAIRLADEAENLDLKQYK
;
_entity_poly.pdbx_strand_id   A,B
#
loop_
_chem_comp.id
_chem_comp.type
_chem_comp.name
_chem_comp.formula
PMM non-polymer PTERIN-6-YL-METHYL-MONOPHOSPHATE 'C7 H8 N5 O5 P'
PO4 non-polymer 'PHOSPHATE ION' 'O4 P -3'
#
# COMPACT_ATOMS: atom_id res chain seq x y z
N HIS A 7 14.11 -6.53 -9.68
CA HIS A 7 13.69 -7.98 -9.56
C HIS A 7 12.33 -8.23 -10.23
N ALA A 8 11.78 -9.41 -9.97
CA ALA A 8 10.48 -9.78 -10.52
C ALA A 8 9.44 -9.31 -9.53
N LYS A 9 8.32 -8.83 -10.05
CA LYS A 9 7.21 -8.40 -9.22
C LYS A 9 6.66 -9.53 -8.32
N THR A 10 6.03 -9.12 -7.22
CA THR A 10 5.33 -10.03 -6.32
C THR A 10 4.43 -11.04 -7.06
N VAL A 11 4.65 -12.31 -6.75
CA VAL A 11 3.80 -13.42 -7.18
C VAL A 11 2.57 -13.43 -6.26
N ILE A 12 1.41 -13.64 -6.87
CA ILE A 12 0.15 -13.82 -6.14
C ILE A 12 -0.14 -15.32 -6.04
N CYS A 13 -0.32 -15.78 -4.80
CA CYS A 13 -0.66 -17.16 -4.55
C CYS A 13 -2.11 -17.22 -4.07
N GLY A 14 -2.98 -17.84 -4.85
CA GLY A 14 -4.40 -17.94 -4.55
C GLY A 14 -4.68 -19.17 -3.67
N ILE A 15 -5.56 -19.01 -2.70
CA ILE A 15 -5.81 -20.04 -1.72
C ILE A 15 -6.91 -20.94 -2.31
N ILE A 16 -6.68 -22.26 -2.23
CA ILE A 16 -7.70 -23.28 -2.54
C ILE A 16 -7.78 -24.27 -1.37
N ASN A 17 -8.85 -24.17 -0.57
CA ASN A 17 -9.03 -25.06 0.57
C ASN A 17 -10.08 -26.08 0.17
N VAL A 18 -9.67 -27.33 0.07
CA VAL A 18 -10.63 -28.38 -0.23
C VAL A 18 -11.40 -28.67 1.06
N THR A 19 -12.71 -28.55 0.94
CA THR A 19 -13.61 -28.78 2.06
C THR A 19 -13.94 -30.28 2.19
N PRO A 20 -13.71 -30.83 3.39
CA PRO A 20 -14.21 -32.18 3.70
C PRO A 20 -15.75 -32.28 3.59
N PHE A 30 -17.70 -33.58 -6.22
CA PHE A 30 -18.22 -32.22 -6.08
C PHE A 30 -17.26 -31.29 -5.39
N ALA A 31 -16.76 -31.67 -4.22
CA ALA A 31 -15.78 -30.85 -3.53
C ALA A 31 -14.63 -30.61 -4.48
N LEU A 32 -14.39 -31.60 -5.33
CA LEU A 32 -13.34 -31.56 -6.33
C LEU A 32 -13.67 -30.59 -7.47
N GLU A 33 -14.90 -30.65 -7.97
CA GLU A 33 -15.33 -29.79 -9.07
C GLU A 33 -15.37 -28.34 -8.60
N GLN A 34 -15.62 -28.16 -7.30
CA GLN A 34 -15.62 -26.87 -6.70
C GLN A 34 -14.18 -26.29 -6.53
N ALA A 35 -13.22 -27.13 -6.20
CA ALA A 35 -11.84 -26.69 -6.11
C ALA A 35 -11.22 -26.45 -7.49
N LEU A 36 -11.54 -27.32 -8.45
CA LEU A 36 -11.19 -27.11 -9.84
C LEU A 36 -11.81 -25.83 -10.38
N GLN A 37 -13.03 -25.51 -9.98
CA GLN A 37 -13.63 -24.22 -10.36
C GLN A 37 -12.92 -22.97 -9.75
N GLN A 38 -12.51 -23.03 -8.48
CA GLN A 38 -11.85 -21.89 -7.86
C GLN A 38 -10.48 -21.62 -8.51
N ALA A 39 -9.77 -22.70 -8.86
CA ALA A 39 -8.44 -22.69 -9.48
C ALA A 39 -8.44 -21.93 -10.80
N ARG A 40 -9.35 -22.30 -11.69
CA ARG A 40 -9.59 -21.64 -12.94
C ARG A 40 -9.77 -20.16 -12.78
N LYS A 41 -10.62 -19.82 -11.80
CA LYS A 41 -10.98 -18.46 -11.40
C LYS A 41 -9.79 -17.66 -10.91
N LEU A 42 -9.02 -18.26 -10.03
CA LEU A 42 -7.84 -17.58 -9.52
C LEU A 42 -6.75 -17.41 -10.59
N ILE A 43 -6.53 -18.44 -11.40
CA ILE A 43 -5.61 -18.36 -12.50
C ILE A 43 -6.02 -17.20 -13.42
N ALA A 44 -7.28 -17.18 -13.81
CA ALA A 44 -7.82 -16.15 -14.68
C ALA A 44 -7.69 -14.76 -14.06
N GLU A 45 -7.63 -14.67 -12.73
CA GLU A 45 -7.43 -13.39 -12.03
C GLU A 45 -5.93 -12.98 -11.88
N GLY A 46 -5.04 -13.91 -12.25
CA GLY A 46 -3.64 -13.65 -12.36
C GLY A 46 -2.81 -14.22 -11.24
N ALA A 47 -3.27 -15.34 -10.69
CA ALA A 47 -2.50 -16.09 -9.71
C ALA A 47 -1.38 -16.79 -10.46
N SER A 48 -0.14 -16.67 -10.00
CA SER A 48 0.96 -17.40 -10.61
C SER A 48 1.25 -18.63 -9.79
N MET A 49 0.62 -18.71 -8.62
CA MET A 49 0.69 -19.91 -7.82
C MET A 49 -0.65 -20.11 -7.12
N LEU A 50 -0.93 -21.36 -6.76
CA LEU A 50 -2.12 -21.76 -6.03
C LEU A 50 -1.68 -22.58 -4.84
N ASP A 51 -2.35 -22.39 -3.71
CA ASP A 51 -2.01 -23.07 -2.42
C ASP A 51 -3.11 -24.03 -2.05
N ILE A 52 -2.82 -25.33 -2.07
CA ILE A 52 -3.87 -26.34 -1.94
C ILE A 52 -3.77 -26.93 -0.55
N GLY A 53 -4.90 -26.86 0.18
CA GLY A 53 -5.01 -27.35 1.54
C GLY A 53 -6.22 -28.24 1.67
N GLY A 54 -6.11 -29.23 2.56
CA GLY A 54 -7.13 -30.25 2.67
C GLY A 54 -7.26 -30.70 4.10
N GLU A 55 -6.77 -29.88 5.01
CA GLU A 55 -6.79 -30.21 6.42
C GLU A 55 -8.19 -30.13 7.07
N SER A 56 -8.48 -31.16 7.88
CA SER A 56 -9.63 -31.26 8.82
C SER A 56 -10.88 -31.91 8.24
N SER A 62 -2.47 -38.91 13.16
CA SER A 62 -2.98 -40.22 12.82
C SER A 62 -3.06 -40.46 11.30
N TYR A 63 -2.75 -41.70 10.92
CA TYR A 63 -2.98 -42.30 9.60
C TYR A 63 -4.33 -42.02 8.92
N VAL A 64 -5.38 -41.88 9.73
CA VAL A 64 -6.73 -41.52 9.24
C VAL A 64 -6.79 -40.09 8.68
N GLU A 65 -6.17 -39.13 9.36
CA GLU A 65 -6.07 -37.76 8.86
C GLU A 65 -5.13 -37.62 7.66
N ILE A 66 -4.00 -38.32 7.70
CA ILE A 66 -3.06 -38.33 6.58
C ILE A 66 -3.73 -38.82 5.30
N GLU A 67 -4.47 -39.92 5.42
CA GLU A 67 -5.18 -40.52 4.28
C GLU A 67 -6.32 -39.66 3.74
N GLU A 68 -7.13 -39.08 4.64
CA GLU A 68 -8.27 -38.26 4.26
C GLU A 68 -7.85 -36.95 3.59
N GLU A 69 -6.82 -36.32 4.13
CA GLU A 69 -6.21 -35.13 3.55
C GLU A 69 -5.63 -35.36 2.13
N ILE A 70 -4.92 -36.48 1.96
CA ILE A 70 -4.38 -36.94 0.69
C ILE A 70 -5.48 -37.16 -0.32
N GLN A 71 -6.56 -37.82 0.13
CA GLN A 71 -7.70 -38.04 -0.78
C GLN A 71 -8.49 -36.77 -1.06
N ARG A 72 -8.31 -35.73 -0.22
CA ARG A 72 -8.79 -34.38 -0.57
C ARG A 72 -7.93 -33.63 -1.63
N VAL A 73 -6.64 -33.42 -1.36
CA VAL A 73 -5.75 -32.55 -2.18
C VAL A 73 -5.20 -33.18 -3.48
N VAL A 74 -4.92 -34.50 -3.46
CA VAL A 74 -4.32 -35.22 -4.58
C VAL A 74 -5.19 -35.17 -5.85
N PRO A 75 -6.49 -35.54 -5.74
CA PRO A 75 -7.28 -35.42 -6.97
C PRO A 75 -7.34 -33.98 -7.53
N VAL A 76 -7.38 -32.99 -6.63
CA VAL A 76 -7.45 -31.56 -7.02
C VAL A 76 -6.18 -31.18 -7.75
N ILE A 77 -5.03 -31.44 -7.12
CA ILE A 77 -3.72 -31.24 -7.75
C ILE A 77 -3.59 -31.86 -9.17
N LYS A 78 -3.98 -33.12 -9.33
CA LYS A 78 -3.91 -33.79 -10.62
C LYS A 78 -4.72 -33.09 -11.71
N ALA A 79 -5.93 -32.69 -11.35
CA ALA A 79 -6.84 -32.07 -12.30
C ALA A 79 -6.34 -30.68 -12.72
N ILE A 80 -5.79 -29.90 -11.80
CA ILE A 80 -5.20 -28.61 -12.12
C ILE A 80 -4.01 -28.81 -13.07
N ARG A 81 -3.13 -29.74 -12.69
CA ARG A 81 -1.99 -30.14 -13.48
C ARG A 81 -2.36 -30.55 -14.93
N LYS A 82 -3.48 -31.23 -15.13
CA LYS A 82 -3.95 -31.58 -16.49
C LYS A 82 -4.15 -30.36 -17.37
N GLU A 83 -4.60 -29.23 -16.81
CA GLU A 83 -4.88 -28.06 -17.65
C GLU A 83 -3.97 -26.84 -17.51
N SER A 84 -2.98 -26.90 -16.63
CA SER A 84 -2.22 -25.71 -16.28
C SER A 84 -0.84 -26.04 -15.76
N ASP A 85 0.12 -25.18 -16.12
CA ASP A 85 1.53 -25.17 -15.66
C ASP A 85 1.76 -24.34 -14.39
N VAL A 86 0.69 -23.72 -13.88
CA VAL A 86 0.73 -22.88 -12.68
C VAL A 86 1.50 -23.60 -11.59
N LEU A 87 2.36 -22.88 -10.87
CA LEU A 87 2.98 -23.39 -9.65
C LEU A 87 1.91 -23.77 -8.63
N ILE A 88 2.03 -24.99 -8.10
CA ILE A 88 1.12 -25.53 -7.07
C ILE A 88 1.90 -25.77 -5.79
N SER A 89 1.34 -25.27 -4.69
CA SER A 89 1.87 -25.45 -3.35
C SER A 89 0.97 -26.43 -2.57
N ILE A 90 1.56 -27.38 -1.86
CA ILE A 90 0.79 -28.16 -0.90
C ILE A 90 0.94 -27.56 0.52
N ASP A 91 -0.19 -27.09 0.99
CA ASP A 91 -0.37 -26.59 2.33
C ASP A 91 -0.65 -27.75 3.29
N THR A 92 0.41 -28.22 3.94
CA THR A 92 0.36 -29.37 4.79
C THR A 92 1.60 -29.25 5.65
N TRP A 93 1.50 -29.75 6.88
CA TRP A 93 2.69 -29.89 7.69
C TRP A 93 3.06 -31.39 7.86
N LYS A 94 2.28 -32.25 7.23
CA LYS A 94 2.46 -33.69 7.32
C LYS A 94 3.22 -34.21 6.11
N SER A 95 4.35 -34.85 6.37
CA SER A 95 5.27 -35.27 5.30
C SER A 95 4.65 -36.26 4.34
N GLN A 96 3.67 -37.02 4.82
CA GLN A 96 3.00 -38.03 3.99
C GLN A 96 2.05 -37.39 3.00
N VAL A 97 1.51 -36.24 3.39
CA VAL A 97 0.65 -35.48 2.50
C VAL A 97 1.47 -34.77 1.41
N ALA A 98 2.60 -34.15 1.79
CA ALA A 98 3.47 -33.40 0.85
C ALA A 98 4.12 -34.32 -0.18
N GLU A 99 4.43 -35.53 0.27
CA GLU A 99 4.98 -36.56 -0.58
C GLU A 99 3.99 -37.07 -1.62
N ALA A 100 2.75 -37.33 -1.22
CA ALA A 100 1.74 -37.76 -2.18
C ALA A 100 1.50 -36.60 -3.12
N ALA A 101 1.45 -35.40 -2.55
CA ALA A 101 1.12 -34.19 -3.31
C ALA A 101 2.16 -33.71 -4.35
N LEU A 102 3.45 -33.87 -4.04
CA LEU A 102 4.52 -33.54 -5.01
C LEU A 102 4.61 -34.57 -6.16
N ALA A 103 4.50 -35.85 -5.82
CA ALA A 103 4.35 -36.96 -6.75
C ALA A 103 3.23 -36.81 -7.77
N ALA A 104 2.43 -35.76 -7.62
CA ALA A 104 1.21 -35.59 -8.43
C ALA A 104 1.18 -34.28 -9.19
N GLY A 105 2.22 -33.47 -9.04
CA GLY A 105 2.22 -32.15 -9.67
C GLY A 105 2.58 -30.92 -8.83
N ALA A 106 2.51 -31.03 -7.51
CA ALA A 106 2.94 -29.92 -6.67
C ALA A 106 4.45 -29.69 -6.82
N ASP A 107 4.81 -28.43 -6.64
CA ASP A 107 6.12 -27.86 -6.91
C ASP A 107 6.77 -27.52 -5.58
N LEU A 108 5.95 -27.28 -4.56
CA LEU A 108 6.47 -26.84 -3.28
C LEU A 108 5.57 -27.18 -2.13
N VAL A 109 6.13 -27.12 -0.93
CA VAL A 109 5.38 -27.32 0.30
C VAL A 109 5.26 -25.99 1.04
N ASN A 110 4.04 -25.60 1.33
CA ASN A 110 3.84 -24.58 2.34
C ASN A 110 3.59 -25.26 3.70
N ASP A 111 4.61 -25.22 4.57
CA ASP A 111 4.56 -25.87 5.89
C ASP A 111 4.31 -24.82 6.98
N ILE A 112 3.08 -24.73 7.48
CA ILE A 112 2.76 -23.77 8.56
C ILE A 112 3.39 -24.04 9.93
N THR A 113 4.10 -25.17 10.07
CA THR A 113 4.89 -25.51 11.26
C THR A 113 6.38 -25.32 10.99
N GLY A 114 6.73 -24.78 9.81
CA GLY A 114 8.08 -24.46 9.48
C GLY A 114 9.12 -25.54 9.72
N LEU A 115 8.82 -26.78 9.29
CA LEU A 115 9.68 -27.99 9.49
C LEU A 115 9.71 -28.56 10.94
N MET A 116 8.92 -27.99 11.84
CA MET A 116 8.97 -28.46 13.22
C MET A 116 7.86 -29.47 13.54
N GLY A 117 6.82 -29.49 12.71
CA GLY A 117 5.66 -30.37 12.90
C GLY A 117 5.93 -31.85 12.60
N ASP A 118 6.81 -32.12 11.65
CA ASP A 118 7.14 -33.48 11.30
C ASP A 118 8.62 -33.60 10.99
N GLU A 119 9.30 -34.46 11.75
CA GLU A 119 10.74 -34.63 11.66
C GLU A 119 11.18 -35.13 10.28
N LYS A 120 10.29 -35.82 9.57
CA LYS A 120 10.65 -36.37 8.25
C LYS A 120 10.32 -35.47 7.02
N MET A 121 9.55 -34.41 7.25
CA MET A 121 9.31 -33.37 6.24
C MET A 121 10.56 -32.85 5.47
N PRO A 122 11.62 -32.39 6.19
CA PRO A 122 12.89 -31.99 5.53
C PRO A 122 13.44 -32.95 4.44
N HIS A 123 13.46 -34.24 4.75
CA HIS A 123 13.84 -35.28 3.81
C HIS A 123 12.92 -35.32 2.58
N VAL A 124 11.61 -35.27 2.82
CA VAL A 124 10.58 -35.36 1.75
C VAL A 124 10.74 -34.20 0.75
N VAL A 125 10.99 -33.02 1.30
CA VAL A 125 11.25 -31.82 0.50
C VAL A 125 12.62 -31.95 -0.18
N ALA A 126 13.65 -32.31 0.58
CA ALA A 126 14.99 -32.55 0.03
C ALA A 126 14.95 -33.54 -1.11
N GLU A 127 14.29 -34.69 -0.89
CA GLU A 127 14.20 -35.78 -1.87
C GLU A 127 13.49 -35.41 -3.19
N ALA A 128 12.53 -34.50 -3.12
CA ALA A 128 11.70 -34.15 -4.29
C ALA A 128 12.27 -32.96 -5.08
N ARG A 129 13.29 -32.33 -4.48
CA ARG A 129 14.00 -31.17 -5.02
C ARG A 129 13.11 -29.93 -5.01
N ALA A 130 12.13 -29.94 -4.10
CA ALA A 130 11.02 -28.99 -4.06
C ALA A 130 11.41 -27.66 -3.40
N GLN A 131 10.64 -26.59 -3.64
CA GLN A 131 10.73 -25.41 -2.80
C GLN A 131 10.00 -25.66 -1.47
N VAL A 132 10.35 -24.93 -0.43
CA VAL A 132 9.60 -25.01 0.85
C VAL A 132 9.42 -23.63 1.54
N VAL A 133 8.19 -23.37 2.00
CA VAL A 133 7.87 -22.25 2.90
C VAL A 133 7.97 -22.71 4.34
N ILE A 134 8.80 -22.01 5.09
CA ILE A 134 9.01 -22.29 6.49
C ILE A 134 8.36 -21.12 7.15
N MET A 135 7.16 -21.35 7.67
CA MET A 135 6.47 -20.35 8.41
C MET A 135 6.93 -20.38 9.86
N PHE A 136 7.12 -19.19 10.42
CA PHE A 136 7.29 -19.03 11.83
C PHE A 136 5.93 -19.31 12.42
N ASN A 137 5.88 -20.29 13.32
CA ASN A 137 4.67 -20.68 14.05
C ASN A 137 4.80 -20.30 15.56
N PRO A 138 4.23 -19.14 15.94
CA PRO A 138 4.30 -18.68 17.33
C PRO A 138 3.36 -19.43 18.25
N VAL A 139 2.42 -20.20 17.69
CA VAL A 139 1.44 -20.95 18.46
C VAL A 139 2.13 -22.19 19.07
N MET A 140 2.91 -22.91 18.26
CA MET A 140 3.84 -23.93 18.73
C MET A 140 4.87 -23.36 19.72
N ALA A 141 5.51 -22.26 19.34
CA ALA A 141 6.59 -21.63 20.13
C ALA A 141 6.16 -21.09 21.52
N ARG A 142 4.88 -20.72 21.65
CA ARG A 142 4.27 -20.21 22.88
C ARG A 142 2.86 -20.79 23.04
N PRO A 143 2.77 -22.08 23.41
CA PRO A 143 1.48 -22.78 23.45
C PRO A 143 0.50 -22.14 24.42
N GLN A 144 1.01 -21.46 25.45
CA GLN A 144 0.12 -20.84 26.45
C GLN A 144 -0.03 -19.32 26.37
N HIS A 145 0.78 -18.63 25.56
CA HIS A 145 0.49 -17.23 25.21
C HIS A 145 -1.02 -17.09 24.90
N PRO A 146 -1.71 -16.14 25.58
CA PRO A 146 -3.16 -15.91 25.44
C PRO A 146 -3.71 -15.94 24.01
N SER A 147 -2.96 -15.40 23.04
CA SER A 147 -3.33 -15.38 21.60
C SER A 147 -3.35 -16.79 20.94
N SER A 148 -2.46 -17.67 21.37
CA SER A 148 -2.37 -19.02 20.85
C SER A 148 -3.53 -19.94 21.29
N LEU A 149 -4.14 -19.66 22.43
CA LEU A 149 -5.09 -20.60 23.05
C LEU A 149 -6.19 -21.13 22.12
N ILE A 150 -6.80 -20.21 21.35
CA ILE A 150 -7.86 -20.55 20.40
C ILE A 150 -7.41 -21.46 19.24
N PHE A 151 -6.11 -21.60 19.06
CA PHE A 151 -5.56 -22.38 17.95
C PHE A 151 -5.49 -23.88 18.25
N PRO A 152 -5.77 -24.72 17.24
CA PRO A 152 -5.54 -26.14 17.42
C PRO A 152 -4.05 -26.42 17.68
N HIS A 153 -3.64 -27.69 17.63
CA HIS A 153 -2.28 -28.05 17.97
C HIS A 153 -1.57 -28.62 16.74
N PHE A 154 -0.39 -28.08 16.47
CA PHE A 154 0.35 -28.36 15.27
C PHE A 154 1.52 -29.26 15.62
N GLY A 155 1.68 -30.34 14.84
CA GLY A 155 2.84 -31.20 15.01
C GLY A 155 2.55 -32.57 15.61
N PHE A 156 3.26 -33.58 15.09
CA PHE A 156 3.13 -34.97 15.53
C PHE A 156 3.71 -35.15 16.93
N ALA A 159 9.14 -31.30 19.91
CA ALA A 159 9.47 -30.13 19.08
C ALA A 159 10.45 -29.18 19.79
N PHE A 160 10.00 -28.55 20.88
CA PHE A 160 10.82 -27.64 21.69
C PHE A 160 11.02 -28.16 23.13
N THR A 161 12.10 -27.72 23.77
CA THR A 161 12.57 -28.22 25.08
C THR A 161 11.74 -27.67 26.26
N GLU A 162 12.39 -27.35 27.37
CA GLU A 162 11.66 -27.01 28.58
C GLU A 162 11.60 -25.50 28.74
N LEU A 165 11.67 -23.17 25.03
CA LEU A 165 10.22 -23.11 25.25
C LEU A 165 9.87 -22.23 26.46
N ALA A 166 10.73 -22.29 27.48
CA ALA A 166 10.67 -21.39 28.64
C ALA A 166 11.31 -20.02 28.34
N ASP A 167 12.31 -19.99 27.46
CA ASP A 167 12.86 -18.73 26.93
C ASP A 167 11.84 -18.09 25.98
N PHE A 168 11.14 -18.91 25.19
CA PHE A 168 10.21 -18.43 24.16
C PHE A 168 9.12 -17.52 24.71
N GLU A 169 8.27 -18.10 25.56
CA GLU A 169 7.34 -17.39 26.46
C GLU A 169 7.70 -15.91 26.71
N THR A 170 9.01 -15.67 26.77
CA THR A 170 9.56 -14.43 27.26
C THR A 170 10.18 -13.51 26.18
N LEU A 171 10.66 -14.07 25.06
CA LEU A 171 11.38 -13.30 24.02
C LEU A 171 10.51 -12.23 23.34
N PRO A 172 11.15 -11.15 22.84
CA PRO A 172 10.49 -10.24 21.88
C PRO A 172 10.15 -11.02 20.61
N ILE A 173 9.13 -10.58 19.88
CA ILE A 173 8.65 -11.35 18.73
C ILE A 173 9.70 -11.64 17.65
N GLU A 174 10.58 -10.67 17.42
CA GLU A 174 11.58 -10.78 16.38
C GLU A 174 12.78 -11.61 16.79
N GLU A 175 13.10 -11.63 18.10
CA GLU A 175 14.11 -12.59 18.57
C GLU A 175 13.46 -13.96 18.68
N LEU A 176 12.19 -13.97 19.09
CA LEU A 176 11.46 -15.21 19.04
C LEU A 176 11.45 -15.83 17.61
N MET A 177 10.97 -15.09 16.61
CA MET A 177 10.98 -15.54 15.20
C MET A 177 12.34 -16.11 14.78
N GLU A 178 13.39 -15.45 15.25
CA GLU A 178 14.74 -15.77 14.86
C GLU A 178 15.12 -17.16 15.38
N ALA A 179 14.77 -17.41 16.64
CA ALA A 179 15.06 -18.67 17.32
C ALA A 179 14.33 -19.85 16.66
N PHE A 180 13.02 -19.73 16.48
CA PHE A 180 12.27 -20.64 15.65
C PHE A 180 12.94 -20.94 14.31
N PHE A 181 13.28 -19.88 13.57
CA PHE A 181 13.97 -20.01 12.26
C PHE A 181 15.36 -20.66 12.32
N GLU A 182 16.14 -20.28 13.32
CA GLU A 182 17.42 -20.95 13.58
C GLU A 182 17.24 -22.46 13.66
N ARG A 183 16.33 -22.91 14.55
CA ARG A 183 15.98 -24.32 14.70
C ARG A 183 15.64 -24.94 13.37
N ALA A 184 14.64 -24.36 12.71
CA ALA A 184 14.04 -24.91 11.50
C ALA A 184 15.00 -24.96 10.30
N LEU A 185 15.90 -23.98 10.20
CA LEU A 185 16.88 -23.92 9.11
C LEU A 185 17.94 -24.99 9.25
N ALA A 186 18.31 -25.28 10.50
CA ALA A 186 19.17 -26.40 10.87
C ALA A 186 18.54 -27.75 10.46
N ARG A 187 17.27 -27.95 10.80
CA ARG A 187 16.51 -29.11 10.31
C ARG A 187 16.62 -29.27 8.80
N ALA A 188 16.55 -28.16 8.08
CA ALA A 188 16.55 -28.19 6.62
C ALA A 188 17.96 -28.44 6.16
N ALA A 189 18.92 -27.82 6.84
CA ALA A 189 20.33 -27.94 6.47
C ALA A 189 20.78 -29.38 6.50
N GLU A 190 20.31 -30.13 7.50
CA GLU A 190 20.72 -31.52 7.74
C GLU A 190 20.09 -32.50 6.74
N ALA A 191 18.98 -32.08 6.14
CA ALA A 191 18.28 -32.90 5.16
C ALA A 191 18.84 -32.59 3.78
N GLY A 192 19.61 -31.51 3.73
CA GLY A 192 20.31 -31.12 2.52
C GLY A 192 19.47 -30.39 1.50
N ILE A 193 18.33 -29.84 1.93
CA ILE A 193 17.54 -28.94 1.08
C ILE A 193 18.44 -27.76 0.70
N ALA A 194 18.58 -27.53 -0.60
CA ALA A 194 19.35 -26.40 -1.11
C ALA A 194 18.79 -25.10 -0.56
N PRO A 195 19.64 -24.29 0.12
CA PRO A 195 19.25 -22.96 0.64
C PRO A 195 18.42 -22.10 -0.33
N GLU A 196 18.67 -22.25 -1.63
CA GLU A 196 17.94 -21.50 -2.68
C GLU A 196 16.54 -22.06 -2.97
N ASN A 197 16.09 -22.99 -2.13
CA ASN A 197 14.77 -23.65 -2.28
C ASN A 197 13.83 -23.31 -1.13
N ILE A 198 14.27 -22.39 -0.28
CA ILE A 198 13.58 -22.00 0.95
C ILE A 198 12.96 -20.59 0.86
N LEU A 199 11.73 -20.45 1.38
CA LEU A 199 11.04 -19.18 1.46
C LEU A 199 10.58 -19.10 2.90
N LEU A 200 10.71 -17.91 3.49
CA LEU A 200 10.34 -17.68 4.89
C LEU A 200 9.04 -16.89 4.95
N ASP A 201 8.25 -17.18 5.98
CA ASP A 201 6.94 -16.60 6.18
C ASP A 201 6.91 -16.23 7.64
N PRO A 202 6.67 -14.94 7.95
CA PRO A 202 6.59 -14.47 9.36
C PRO A 202 5.36 -14.97 10.20
N GLY A 203 4.38 -15.63 9.61
CA GLY A 203 3.42 -16.29 10.47
C GLY A 203 2.36 -15.35 11.00
N ILE A 204 2.17 -14.23 10.30
CA ILE A 204 1.15 -13.21 10.59
C ILE A 204 -0.22 -13.84 10.84
N GLY A 205 -0.89 -13.42 11.90
CA GLY A 205 -2.22 -13.91 12.22
C GLY A 205 -2.30 -15.11 13.19
N PHE A 206 -1.17 -15.73 13.48
CA PHE A 206 -1.12 -16.98 14.23
C PHE A 206 -0.63 -16.71 15.66
N GLY A 207 -1.57 -16.53 16.60
CA GLY A 207 -1.23 -16.38 18.01
C GLY A 207 -0.23 -15.27 18.27
N LEU A 208 -0.35 -14.21 17.47
CA LEU A 208 0.44 -13.00 17.62
C LEU A 208 -0.58 -11.98 17.99
N THR A 209 -0.18 -11.00 18.78
CA THR A 209 -1.06 -9.90 19.11
C THR A 209 -1.15 -8.93 17.92
N LYS A 210 -2.07 -7.97 17.99
CA LYS A 210 -2.13 -6.82 17.06
C LYS A 210 -0.79 -6.17 16.82
N LYS A 211 -0.10 -5.81 17.90
CA LYS A 211 1.18 -5.09 17.83
C LYS A 211 2.32 -5.93 17.24
N GLU A 212 2.34 -7.21 17.59
CA GLU A 212 3.34 -8.15 17.08
C GLU A 212 3.12 -8.41 15.61
N ASN A 213 1.86 -8.61 15.23
CA ASN A 213 1.43 -8.72 13.84
C ASN A 213 1.91 -7.52 13.01
N LEU A 214 1.69 -6.31 13.52
CA LEU A 214 2.09 -5.07 12.83
C LEU A 214 3.56 -4.78 12.84
N LEU A 215 4.25 -5.24 13.89
CA LEU A 215 5.68 -5.02 14.03
C LEU A 215 6.44 -5.86 13.02
N LEU A 216 5.99 -7.11 12.89
CA LEU A 216 6.55 -8.05 11.96
C LEU A 216 6.31 -7.60 10.53
N LEU A 217 5.13 -7.06 10.27
CA LEU A 217 4.81 -6.39 9.01
C LEU A 217 5.62 -5.12 8.79
N ARG A 218 5.85 -4.33 9.84
CA ARG A 218 6.66 -3.13 9.72
C ARG A 218 8.07 -3.47 9.37
N ASP A 219 8.52 -4.64 9.80
CA ASP A 219 9.92 -4.99 9.67
C ASP A 219 10.19 -6.10 8.71
N LEU A 220 9.47 -6.12 7.60
CA LEU A 220 9.65 -7.19 6.60
C LEU A 220 11.06 -7.26 5.99
N ASP A 221 11.73 -6.11 5.87
CA ASP A 221 13.11 -6.01 5.35
C ASP A 221 14.18 -6.68 6.20
N LYS A 222 14.06 -6.57 7.53
CA LYS A 222 14.88 -7.36 8.47
C LYS A 222 14.84 -8.84 8.13
N LEU A 223 13.65 -9.33 7.79
CA LEU A 223 13.45 -10.72 7.38
C LEU A 223 14.00 -10.96 5.96
N HIS A 224 14.01 -9.92 5.14
CA HIS A 224 14.66 -10.00 3.83
C HIS A 224 16.17 -10.00 3.95
N GLN A 225 16.65 -9.34 4.99
CA GLN A 225 18.08 -9.19 5.24
C GLN A 225 18.72 -10.57 5.44
N LYS A 226 17.92 -11.57 5.79
CA LYS A 226 18.39 -12.95 6.08
C LYS A 226 18.78 -13.67 4.80
N GLY A 227 18.11 -13.35 3.70
CA GLY A 227 18.56 -13.85 2.40
C GLY A 227 17.61 -14.75 1.66
N TYR A 228 16.44 -14.97 2.26
CA TYR A 228 15.44 -15.84 1.69
C TYR A 228 14.27 -15.00 1.16
N PRO A 229 13.61 -15.51 0.10
CA PRO A 229 12.33 -14.92 -0.36
C PRO A 229 11.31 -15.01 0.78
N ILE A 230 10.29 -14.16 0.72
CA ILE A 230 9.31 -14.03 1.80
C ILE A 230 7.99 -14.39 1.18
N PHE A 231 7.29 -15.31 1.83
CA PHE A 231 5.96 -15.76 1.42
C PHE A 231 5.05 -15.15 2.49
N LEU A 232 4.06 -14.37 2.06
CA LEU A 232 3.35 -13.57 3.06
C LEU A 232 1.87 -13.84 3.06
N GLY A 233 1.31 -14.11 4.22
CA GLY A 233 -0.14 -14.31 4.33
C GLY A 233 -0.84 -13.04 4.74
N VAL A 234 -1.39 -12.33 3.76
CA VAL A 234 -1.89 -10.94 3.95
C VAL A 234 -3.41 -10.83 4.09
N SER A 235 -4.10 -11.96 3.97
CA SER A 235 -5.52 -12.00 3.61
C SER A 235 -6.44 -12.33 4.79
N ARG A 236 -7.44 -11.46 5.00
CA ARG A 236 -8.55 -11.71 5.93
C ARG A 236 -8.09 -12.08 7.35
N LYS A 237 -7.09 -11.35 7.82
CA LYS A 237 -6.52 -11.55 9.11
C LYS A 237 -7.24 -10.64 10.06
N ARG A 238 -7.64 -11.19 11.20
CA ARG A 238 -8.44 -10.51 12.25
C ARG A 238 -7.89 -9.12 12.66
N PHE A 239 -6.58 -8.90 12.54
CA PHE A 239 -6.01 -7.59 12.95
C PHE A 239 -6.37 -6.47 11.99
N VAL A 240 -6.52 -6.82 10.71
CA VAL A 240 -6.89 -5.87 9.65
C VAL A 240 -8.40 -5.61 9.70
N ILE A 241 -9.15 -6.66 9.94
CA ILE A 241 -10.54 -6.55 10.28
C ILE A 241 -10.83 -5.57 11.43
N ASN A 242 -10.08 -5.69 12.49
CA ASN A 242 -10.28 -4.80 13.62
C ASN A 242 -9.88 -3.35 13.40
N ILE A 243 -8.76 -3.07 12.72
CA ILE A 243 -8.47 -1.72 12.14
C ILE A 243 -9.64 -1.14 11.29
N LEU A 244 -10.25 -1.96 10.43
CA LEU A 244 -11.44 -1.48 9.71
C LEU A 244 -12.60 -1.10 10.64
N GLU A 245 -12.88 -1.99 11.60
CA GLU A 245 -14.01 -1.89 12.54
C GLU A 245 -13.89 -0.69 13.44
N GLU A 246 -12.72 -0.51 14.06
CA GLU A 246 -12.44 0.63 14.95
C GLU A 246 -12.52 1.96 14.20
N ASN A 247 -12.51 1.90 12.87
CA ASN A 247 -12.41 3.09 12.03
C ASN A 247 -13.65 3.41 11.20
N GLY A 248 -14.77 2.79 11.57
CA GLY A 248 -16.05 3.01 10.94
C GLY A 248 -16.35 2.32 9.63
N PHE A 249 -15.52 1.37 9.22
CA PHE A 249 -15.85 0.57 8.06
C PHE A 249 -16.60 -0.66 8.45
N GLU A 250 -17.71 -0.91 7.79
CA GLU A 250 -18.39 -2.19 7.78
C GLU A 250 -17.47 -3.36 7.40
N VAL A 251 -17.55 -4.43 8.18
CA VAL A 251 -16.64 -5.60 8.06
C VAL A 251 -17.38 -6.96 8.04
N ASN A 252 -18.71 -6.94 8.07
CA ASN A 252 -19.48 -8.14 8.06
C ASN A 252 -19.29 -8.86 6.75
N PRO A 253 -18.63 -10.04 6.74
CA PRO A 253 -18.35 -10.72 5.45
C PRO A 253 -19.58 -11.14 4.62
N GLU A 254 -20.76 -11.08 5.22
CA GLU A 254 -22.00 -11.51 4.57
C GLU A 254 -22.75 -10.35 3.96
N THR A 255 -22.05 -9.23 3.83
CA THR A 255 -22.53 -8.08 3.09
C THR A 255 -21.56 -7.83 1.96
N GLU A 256 -22.05 -7.22 0.90
CA GLU A 256 -21.19 -6.88 -0.25
C GLU A 256 -20.13 -5.84 0.20
N LEU A 257 -20.60 -4.76 0.82
CA LEU A 257 -19.75 -3.75 1.46
C LEU A 257 -18.69 -4.32 2.39
N GLY A 258 -19.07 -5.17 3.35
CA GLY A 258 -18.12 -5.68 4.31
C GLY A 258 -17.13 -6.64 3.72
N PHE A 259 -17.62 -7.51 2.84
CA PHE A 259 -16.80 -8.46 2.09
C PHE A 259 -15.71 -7.76 1.29
N ARG A 260 -16.09 -6.71 0.56
CA ARG A 260 -15.15 -5.93 -0.26
C ARG A 260 -14.14 -5.16 0.56
N ASN A 261 -14.57 -4.47 1.62
CA ASN A 261 -13.67 -3.72 2.50
C ASN A 261 -12.54 -4.56 3.08
N ARG A 262 -12.86 -5.82 3.39
CA ARG A 262 -11.93 -6.74 4.01
C ARG A 262 -10.85 -7.14 3.02
N ASP A 263 -11.27 -7.34 1.78
CA ASP A 263 -10.36 -7.67 0.68
C ASP A 263 -9.52 -6.45 0.20
N THR A 264 -10.15 -5.29 0.10
CA THR A 264 -9.43 -4.02 -0.11
C THR A 264 -8.41 -3.75 1.00
N ALA A 265 -8.80 -3.91 2.27
CA ALA A 265 -7.86 -3.75 3.39
C ALA A 265 -6.54 -4.56 3.19
N SER A 266 -6.69 -5.83 2.81
CA SER A 266 -5.60 -6.76 2.58
C SER A 266 -4.72 -6.35 1.43
N ALA A 267 -5.38 -5.85 0.38
CA ALA A 267 -4.75 -5.38 -0.86
C ALA A 267 -3.83 -4.24 -0.51
N HIS A 268 -4.28 -3.35 0.40
CA HIS A 268 -3.39 -2.32 0.97
C HIS A 268 -2.09 -2.84 1.60
N VAL A 269 -2.13 -4.01 2.25
CA VAL A 269 -0.92 -4.59 2.87
C VAL A 269 -0.04 -5.14 1.79
N THR A 270 -0.67 -5.75 0.78
CA THR A 270 -0.02 -6.19 -0.44
C THR A 270 0.63 -5.01 -1.15
N SER A 271 -0.09 -3.89 -1.26
CA SER A 271 0.54 -2.70 -1.83
C SER A 271 1.86 -2.36 -1.15
N ILE A 272 1.88 -2.24 0.16
CA ILE A 272 3.09 -1.99 0.94
C ILE A 272 4.10 -3.10 0.80
N ALA A 273 3.64 -4.33 0.90
CA ALA A 273 4.49 -5.52 0.74
C ALA A 273 5.22 -5.66 -0.63
N ALA A 274 4.47 -5.48 -1.71
CA ALA A 274 4.95 -5.62 -3.08
C ALA A 274 5.96 -4.52 -3.44
N ARG A 275 5.66 -3.30 -3.01
CA ARG A 275 6.59 -2.17 -3.02
C ARG A 275 7.96 -2.49 -2.41
N GLN A 276 8.01 -3.09 -1.23
CA GLN A 276 9.33 -3.46 -0.68
C GLN A 276 9.87 -4.76 -1.18
N GLY A 277 9.18 -5.37 -2.13
CA GLY A 277 9.72 -6.50 -2.85
C GLY A 277 9.45 -7.88 -2.29
N VAL A 278 8.50 -8.03 -1.38
CA VAL A 278 8.06 -9.39 -0.92
C VAL A 278 7.80 -10.21 -2.15
N GLU A 279 8.29 -11.45 -2.17
CA GLU A 279 8.32 -12.25 -3.38
C GLU A 279 6.99 -12.90 -3.73
N VAL A 280 6.26 -13.33 -2.70
CA VAL A 280 4.98 -13.99 -2.90
C VAL A 280 4.06 -13.44 -1.87
N VAL A 281 2.80 -13.21 -2.27
CA VAL A 281 1.70 -13.14 -1.29
C VAL A 281 0.68 -14.26 -1.43
N ARG A 282 0.27 -14.83 -0.28
CA ARG A 282 -0.83 -15.80 -0.26
C ARG A 282 -2.15 -15.11 0.06
N VAL A 283 -3.15 -15.23 -0.85
CA VAL A 283 -4.38 -14.43 -0.82
C VAL A 283 -5.67 -15.16 -1.24
N HIS A 284 -6.79 -14.64 -0.73
CA HIS A 284 -8.13 -15.10 -1.14
C HIS A 284 -8.57 -14.46 -2.44
N ASP A 285 -8.70 -13.13 -2.49
CA ASP A 285 -9.22 -12.46 -3.69
C ASP A 285 -8.01 -12.11 -4.48
N VAL A 286 -7.76 -12.89 -5.53
CA VAL A 286 -6.66 -12.62 -6.43
C VAL A 286 -6.76 -11.25 -7.14
N ALA A 287 -7.94 -10.92 -7.66
CA ALA A 287 -8.10 -9.69 -8.41
C ALA A 287 -7.79 -8.42 -7.64
N SER A 288 -8.19 -8.32 -6.37
CA SER A 288 -7.94 -7.08 -5.64
C SER A 288 -6.47 -6.94 -5.36
N HIS A 289 -5.84 -8.07 -5.16
CA HIS A 289 -4.40 -8.13 -4.93
C HIS A 289 -3.56 -7.97 -6.19
N ARG A 290 -4.10 -8.35 -7.35
CA ARG A 290 -3.43 -8.04 -8.59
C ARG A 290 -3.42 -6.52 -8.82
N MET A 291 -4.52 -5.82 -8.49
CA MET A 291 -4.48 -4.37 -8.56
C MET A 291 -3.44 -3.69 -7.66
N ALA A 292 -3.25 -4.19 -6.43
CA ALA A 292 -2.21 -3.74 -5.52
C ALA A 292 -0.81 -3.98 -6.02
N VAL A 293 -0.55 -5.22 -6.45
CA VAL A 293 0.74 -5.68 -7.02
C VAL A 293 1.19 -4.88 -8.26
N GLU A 294 0.25 -4.47 -9.10
CA GLU A 294 0.59 -3.79 -10.33
C GLU A 294 1.02 -2.34 -10.12
N ILE A 295 0.22 -1.61 -9.31
CA ILE A 295 0.50 -0.26 -8.82
C ILE A 295 1.80 -0.18 -8.01
N ALA A 296 1.96 -1.02 -6.98
CA ALA A 296 3.19 -1.06 -6.16
C ALA A 296 4.48 -1.38 -6.91
N SER A 297 4.42 -2.34 -7.82
CA SER A 297 5.56 -2.70 -8.68
C SER A 297 5.96 -1.63 -9.71
N ALA A 298 4.97 -1.01 -10.34
CA ALA A 298 5.20 0.07 -11.30
C ALA A 298 6.01 1.18 -10.65
N ILE A 299 5.78 1.40 -9.36
CA ILE A 299 6.49 2.39 -8.58
C ILE A 299 7.88 1.87 -8.20
N ARG A 300 7.93 0.69 -7.59
CA ARG A 300 9.16 0.06 -7.19
C ARG A 300 10.18 -0.06 -8.37
N LEU A 301 9.69 -0.51 -9.52
CA LEU A 301 10.52 -0.74 -10.68
C LEU A 301 10.45 0.42 -11.72
N ALA A 302 9.99 1.60 -11.28
CA ALA A 302 10.12 2.88 -11.98
C ALA A 302 11.35 3.04 -12.93
N ASP A 303 12.56 2.80 -12.42
CA ASP A 303 13.81 2.88 -13.21
C ASP A 303 14.28 1.54 -13.75
N ASN B 6 8.63 12.12 11.59
CA ASN B 6 7.12 12.11 11.55
C ASN B 6 6.53 10.90 12.29
N HIS B 7 5.87 11.16 13.41
CA HIS B 7 5.36 10.11 14.29
C HIS B 7 3.82 10.20 14.44
N ALA B 8 3.18 10.92 13.52
CA ALA B 8 1.70 11.02 13.47
C ALA B 8 1.21 10.51 12.11
N LYS B 9 -0.02 10.01 12.05
CA LYS B 9 -0.56 9.52 10.79
C LYS B 9 -0.82 10.62 9.74
N THR B 10 -0.62 10.23 8.46
CA THR B 10 -0.93 10.99 7.28
C THR B 10 -2.26 11.74 7.42
N VAL B 11 -2.21 13.01 7.05
CA VAL B 11 -3.38 13.83 7.02
C VAL B 11 -4.09 13.69 5.66
N ILE B 12 -5.38 13.45 5.72
CA ILE B 12 -6.21 13.48 4.54
C ILE B 12 -6.72 14.92 4.32
N CYS B 13 -6.39 15.46 3.16
CA CYS B 13 -6.90 16.72 2.70
C CYS B 13 -8.03 16.47 1.68
N GLY B 14 -9.27 16.78 2.05
CA GLY B 14 -10.39 16.79 1.11
C GLY B 14 -10.37 17.91 0.10
N ILE B 15 -10.95 17.66 -1.07
CA ILE B 15 -11.01 18.65 -2.16
C ILE B 15 -12.39 19.33 -2.25
N ILE B 16 -12.45 20.66 -2.19
CA ILE B 16 -13.68 21.42 -2.51
C ILE B 16 -13.44 22.38 -3.69
N ASN B 17 -13.88 21.97 -4.89
CA ASN B 17 -13.78 22.77 -6.14
C ASN B 17 -15.00 23.71 -6.31
N VAL B 18 -14.78 25.02 -6.20
CA VAL B 18 -15.86 26.03 -6.39
C VAL B 18 -15.66 26.91 -7.67
N THR B 19 -15.63 26.24 -8.82
CA THR B 19 -15.24 26.82 -10.09
C THR B 19 -16.42 27.29 -10.93
N LEU B 32 -22.07 27.96 -2.38
CA LEU B 32 -21.80 28.08 -0.95
C LEU B 32 -22.52 27.00 -0.12
N GLU B 33 -23.78 26.70 -0.45
CA GLU B 33 -24.50 25.64 0.25
C GLU B 33 -24.03 24.27 -0.19
N GLN B 34 -23.87 24.12 -1.49
CA GLN B 34 -23.28 22.90 -2.04
C GLN B 34 -21.81 22.70 -1.55
N ALA B 35 -21.04 23.79 -1.54
CA ALA B 35 -19.66 23.79 -1.06
C ALA B 35 -19.55 23.34 0.39
N LEU B 36 -20.56 23.73 1.20
CA LEU B 36 -20.64 23.45 2.62
C LEU B 36 -21.06 22.04 2.96
N GLN B 37 -22.02 21.51 2.20
CA GLN B 37 -22.43 20.12 2.40
C GLN B 37 -21.24 19.23 2.07
N GLN B 38 -20.50 19.56 1.02
CA GLN B 38 -19.28 18.83 0.69
C GLN B 38 -18.28 18.85 1.85
N ALA B 39 -18.17 20.00 2.51
CA ALA B 39 -17.26 20.17 3.64
C ALA B 39 -17.61 19.24 4.77
N ARG B 40 -18.89 19.18 5.12
CA ARG B 40 -19.38 18.38 6.24
C ARG B 40 -19.25 16.88 5.98
N LYS B 41 -19.43 16.48 4.72
CA LYS B 41 -19.28 15.08 4.29
C LYS B 41 -17.82 14.64 4.33
N LEU B 42 -16.93 15.51 3.88
CA LEU B 42 -15.49 15.22 3.86
C LEU B 42 -14.86 15.16 5.26
N ILE B 43 -15.21 16.14 6.13
CA ILE B 43 -14.87 16.15 7.56
C ILE B 43 -15.43 14.91 8.27
N ALA B 44 -16.70 14.60 8.05
CA ALA B 44 -17.35 13.37 8.55
C ALA B 44 -16.67 12.06 8.14
N GLU B 45 -16.10 12.01 6.93
CA GLU B 45 -15.34 10.82 6.48
C GLU B 45 -13.87 10.73 7.01
N GLY B 46 -13.42 11.69 7.81
CA GLY B 46 -12.07 11.65 8.33
C GLY B 46 -11.04 12.59 7.73
N ALA B 47 -11.47 13.58 6.93
CA ALA B 47 -10.56 14.63 6.45
C ALA B 47 -10.17 15.59 7.57
N SER B 48 -8.86 15.83 7.73
CA SER B 48 -8.33 16.80 8.71
C SER B 48 -8.04 18.12 8.03
N MET B 49 -8.02 18.10 6.71
CA MET B 49 -7.78 19.30 5.94
C MET B 49 -8.80 19.44 4.79
N LEU B 50 -9.05 20.67 4.36
CA LEU B 50 -9.93 20.94 3.22
C LEU B 50 -9.22 21.86 2.28
N ASP B 51 -9.23 21.53 1.00
CA ASP B 51 -8.56 22.35 -0.02
C ASP B 51 -9.52 23.00 -1.02
N ILE B 52 -9.83 24.27 -0.75
CA ILE B 52 -10.78 25.08 -1.52
C ILE B 52 -10.09 25.75 -2.72
N GLY B 53 -10.58 25.45 -3.93
CA GLY B 53 -10.12 26.08 -5.14
C GLY B 53 -11.25 26.77 -5.90
N GLY B 54 -10.93 27.87 -6.58
CA GLY B 54 -11.91 28.66 -7.30
C GLY B 54 -11.47 29.12 -8.70
N GLU B 55 -10.26 28.74 -9.14
CA GLU B 55 -9.78 29.26 -10.42
C GLU B 55 -10.66 28.84 -11.62
N SER B 56 -10.94 29.83 -12.46
CA SER B 56 -11.60 29.64 -13.76
C SER B 56 -10.90 28.53 -14.54
N TYR B 63 -11.01 41.10 -17.40
CA TYR B 63 -11.72 42.05 -16.55
C TYR B 63 -12.13 41.44 -15.22
N VAL B 64 -11.65 42.02 -14.12
CA VAL B 64 -12.10 41.63 -12.76
C VAL B 64 -12.15 40.09 -12.39
N GLU B 65 -11.23 39.29 -12.94
CA GLU B 65 -11.20 37.84 -12.64
C GLU B 65 -10.67 37.51 -11.24
N ILE B 66 -9.78 38.34 -10.70
CA ILE B 66 -9.21 38.09 -9.38
C ILE B 66 -10.21 38.48 -8.29
N GLU B 67 -10.79 39.68 -8.40
CA GLU B 67 -11.88 40.08 -7.53
C GLU B 67 -12.95 38.97 -7.51
N GLU B 68 -13.25 38.37 -8.66
CA GLU B 68 -14.30 37.35 -8.74
C GLU B 68 -13.89 35.96 -8.25
N GLU B 69 -12.63 35.59 -8.45
CA GLU B 69 -12.12 34.37 -7.81
C GLU B 69 -12.20 34.52 -6.30
N ILE B 70 -11.64 35.62 -5.78
CA ILE B 70 -11.72 35.97 -4.37
C ILE B 70 -13.14 35.80 -3.86
N GLN B 71 -14.10 36.32 -4.62
CA GLN B 71 -15.51 36.26 -4.23
C GLN B 71 -16.09 34.84 -4.27
N ARG B 72 -15.51 33.97 -5.09
CA ARG B 72 -15.88 32.54 -5.01
C ARG B 72 -15.36 31.88 -3.73
N VAL B 73 -14.07 32.05 -3.40
CA VAL B 73 -13.43 31.30 -2.30
C VAL B 73 -13.59 31.87 -0.86
N VAL B 74 -13.59 33.19 -0.70
CA VAL B 74 -13.65 33.82 0.62
C VAL B 74 -14.94 33.47 1.40
N PRO B 75 -16.12 33.52 0.76
CA PRO B 75 -17.35 33.08 1.42
C PRO B 75 -17.33 31.63 1.97
N VAL B 76 -16.95 30.68 1.13
CA VAL B 76 -16.82 29.27 1.52
C VAL B 76 -15.92 29.10 2.78
N ILE B 77 -14.73 29.68 2.70
CA ILE B 77 -13.77 29.68 3.80
C ILE B 77 -14.39 30.29 5.07
N LYS B 78 -15.21 31.32 4.90
CA LYS B 78 -15.86 31.95 6.04
C LYS B 78 -16.84 31.00 6.70
N ALA B 79 -17.80 30.47 5.94
CA ALA B 79 -18.81 29.59 6.52
C ALA B 79 -18.23 28.26 7.05
N ILE B 80 -17.30 27.66 6.30
CA ILE B 80 -16.61 26.50 6.84
C ILE B 80 -16.04 26.87 8.20
N ARG B 81 -15.47 28.08 8.31
CA ARG B 81 -14.86 28.50 9.58
C ARG B 81 -15.85 28.79 10.69
N LYS B 82 -17.09 29.17 10.35
CA LYS B 82 -18.18 29.30 11.36
C LYS B 82 -18.47 27.96 12.08
N GLU B 83 -18.18 26.85 11.40
CA GLU B 83 -18.56 25.51 11.83
C GLU B 83 -17.44 24.64 12.39
N SER B 84 -16.19 24.91 12.00
CA SER B 84 -15.11 23.96 12.27
C SER B 84 -13.74 24.61 12.38
N ASP B 85 -12.88 23.98 13.17
CA ASP B 85 -11.48 24.38 13.31
C ASP B 85 -10.57 23.72 12.26
N VAL B 86 -11.16 22.83 11.45
CA VAL B 86 -10.47 22.09 10.37
C VAL B 86 -9.49 22.96 9.58
N LEU B 87 -8.31 22.43 9.31
CA LEU B 87 -7.31 23.12 8.49
C LEU B 87 -7.85 23.35 7.08
N ILE B 88 -8.05 24.64 6.76
CA ILE B 88 -8.48 25.07 5.44
C ILE B 88 -7.24 25.46 4.66
N SER B 89 -7.13 24.93 3.44
CA SER B 89 -6.06 25.24 2.51
C SER B 89 -6.69 26.05 1.37
N ILE B 90 -5.99 27.06 0.84
CA ILE B 90 -6.46 27.79 -0.34
C ILE B 90 -5.62 27.40 -1.54
N ASP B 91 -6.30 26.81 -2.51
CA ASP B 91 -5.67 26.31 -3.71
C ASP B 91 -5.55 27.49 -4.64
N THR B 92 -4.42 28.19 -4.55
CA THR B 92 -4.13 29.29 -5.44
C THR B 92 -2.63 29.57 -5.56
N TRP B 93 -2.24 30.02 -6.75
CA TRP B 93 -0.91 30.54 -7.01
C TRP B 93 -0.88 32.10 -7.02
N LYS B 94 -2.04 32.71 -6.72
CA LYS B 94 -2.24 34.18 -6.77
C LYS B 94 -2.19 34.81 -5.40
N SER B 95 -1.21 35.68 -5.18
CA SER B 95 -0.95 36.30 -3.88
C SER B 95 -2.13 37.08 -3.29
N GLN B 96 -2.98 37.60 -4.18
CA GLN B 96 -4.14 38.38 -3.78
C GLN B 96 -5.31 37.51 -3.38
N VAL B 97 -5.41 36.32 -3.99
CA VAL B 97 -6.41 35.31 -3.60
C VAL B 97 -5.98 34.65 -2.28
N ALA B 98 -4.69 34.29 -2.18
CA ALA B 98 -4.10 33.86 -0.93
C ALA B 98 -4.35 34.92 0.16
N GLU B 99 -3.87 36.14 -0.09
CA GLU B 99 -4.04 37.28 0.82
C GLU B 99 -5.43 37.38 1.42
N ALA B 100 -6.43 37.33 0.56
CA ALA B 100 -7.83 37.44 0.95
C ALA B 100 -8.31 36.18 1.67
N ALA B 101 -7.88 35.02 1.17
CA ALA B 101 -8.34 33.73 1.68
C ALA B 101 -7.75 33.39 3.06
N LEU B 102 -6.47 33.68 3.27
CA LEU B 102 -5.82 33.52 4.58
C LEU B 102 -6.39 34.42 5.65
N ALA B 103 -7.09 35.47 5.22
CA ALA B 103 -7.66 36.46 6.13
C ALA B 103 -9.08 36.10 6.56
N ALA B 104 -9.77 35.30 5.74
CA ALA B 104 -11.10 34.80 6.09
C ALA B 104 -11.00 33.51 6.89
N GLY B 105 -9.77 33.05 7.10
CA GLY B 105 -9.56 31.97 8.03
C GLY B 105 -8.86 30.74 7.50
N ALA B 106 -8.23 30.84 6.32
CA ALA B 106 -7.48 29.72 5.77
C ALA B 106 -6.13 29.61 6.47
N ASP B 107 -5.77 28.37 6.81
CA ASP B 107 -4.55 28.08 7.55
C ASP B 107 -3.31 28.00 6.66
N LEU B 108 -3.49 27.60 5.41
CA LEU B 108 -2.39 27.44 4.49
C LEU B 108 -2.72 27.69 3.01
N VAL B 109 -1.67 27.83 2.20
CA VAL B 109 -1.78 28.08 0.78
C VAL B 109 -1.26 26.87 0.04
N ASN B 110 -2.00 26.45 -0.98
CA ASN B 110 -1.61 25.35 -1.83
C ASN B 110 -1.22 25.90 -3.18
N ASP B 111 0.07 26.24 -3.26
CA ASP B 111 0.61 26.95 -4.38
C ASP B 111 1.13 25.96 -5.40
N ILE B 112 0.38 25.81 -6.48
CA ILE B 112 0.59 24.83 -7.55
C ILE B 112 1.81 25.12 -8.45
N THR B 113 2.29 26.36 -8.42
CA THR B 113 3.41 26.85 -9.23
C THR B 113 4.63 26.93 -8.35
N GLY B 114 4.43 26.76 -7.05
CA GLY B 114 5.51 26.63 -6.08
C GLY B 114 6.23 27.93 -5.89
N LEU B 115 5.48 28.94 -5.43
CA LEU B 115 5.95 30.33 -5.25
C LEU B 115 6.56 31.00 -6.50
N MET B 116 6.58 30.28 -7.63
CA MET B 116 7.14 30.78 -8.89
C MET B 116 6.11 31.41 -9.83
N GLY B 117 4.83 31.39 -9.44
CA GLY B 117 3.78 32.00 -10.24
C GLY B 117 3.63 33.48 -9.95
N ASP B 118 3.95 33.87 -8.73
CA ASP B 118 3.68 35.22 -8.25
C ASP B 118 4.73 35.62 -7.19
N GLU B 119 5.57 36.60 -7.56
CA GLU B 119 6.65 37.17 -6.72
C GLU B 119 6.16 37.65 -5.36
N LYS B 120 4.87 37.95 -5.28
CA LYS B 120 4.31 38.52 -4.07
C LYS B 120 3.70 37.46 -3.16
N MET B 121 3.70 36.21 -3.62
CA MET B 121 3.17 35.10 -2.82
C MET B 121 4.04 34.90 -1.60
N PRO B 122 5.36 34.69 -1.79
CA PRO B 122 6.20 34.41 -0.61
C PRO B 122 5.94 35.35 0.57
N HIS B 123 5.82 36.63 0.28
CA HIS B 123 5.57 37.65 1.30
C HIS B 123 4.14 37.61 1.94
N VAL B 124 3.13 37.30 1.14
CA VAL B 124 1.77 37.11 1.66
C VAL B 124 1.73 35.96 2.67
N VAL B 125 2.48 34.90 2.35
CA VAL B 125 2.52 33.68 3.18
C VAL B 125 3.17 33.96 4.54
N ALA B 126 4.34 34.61 4.53
CA ALA B 126 5.12 34.95 5.72
C ALA B 126 4.38 35.89 6.67
N GLU B 127 3.88 37.00 6.13
CA GLU B 127 3.15 38.04 6.84
C GLU B 127 1.93 37.49 7.58
N ALA B 128 1.26 36.53 6.94
CA ALA B 128 0.13 35.77 7.52
C ALA B 128 0.59 34.61 8.39
N ARG B 129 1.88 34.28 8.29
CA ARG B 129 2.47 33.13 9.00
C ARG B 129 1.67 31.85 8.69
N ALA B 130 1.43 31.62 7.39
CA ALA B 130 0.62 30.51 6.96
C ALA B 130 1.57 29.33 6.80
N GLN B 131 1.04 28.15 6.54
CA GLN B 131 1.84 27.13 5.88
C GLN B 131 1.68 27.33 4.38
N VAL B 132 2.74 27.02 3.65
CA VAL B 132 2.67 26.99 2.20
C VAL B 132 3.07 25.60 1.70
N VAL B 133 2.30 25.09 0.75
CA VAL B 133 2.67 23.91 0.03
C VAL B 133 3.38 24.44 -1.20
N ILE B 134 4.62 24.02 -1.42
CA ILE B 134 5.39 24.42 -2.57
C ILE B 134 5.38 23.22 -3.49
N MET B 135 4.56 23.28 -4.54
CA MET B 135 4.58 22.29 -5.58
C MET B 135 5.55 22.60 -6.72
N PHE B 136 6.19 21.53 -7.20
CA PHE B 136 7.04 21.54 -8.38
C PHE B 136 6.15 21.51 -9.61
N ASN B 137 6.27 22.53 -10.46
CA ASN B 137 5.49 22.57 -11.69
C ASN B 137 6.34 22.30 -12.92
N PRO B 138 6.33 21.04 -13.42
CA PRO B 138 7.15 20.72 -14.59
C PRO B 138 6.66 21.34 -15.91
N VAL B 139 5.39 21.76 -15.96
CA VAL B 139 4.86 22.40 -17.17
C VAL B 139 5.52 23.75 -17.35
N MET B 140 5.55 24.53 -16.26
CA MET B 140 6.34 25.75 -16.16
C MET B 140 7.83 25.51 -16.46
N ALA B 141 8.38 24.45 -15.87
CA ALA B 141 9.80 24.20 -15.98
C ALA B 141 10.17 23.60 -17.35
N ARG B 142 9.20 23.00 -18.04
CA ARG B 142 9.40 22.43 -19.39
C ARG B 142 8.25 22.69 -20.38
N PRO B 143 8.01 23.97 -20.78
CA PRO B 143 6.75 24.21 -21.51
C PRO B 143 6.73 23.71 -22.97
N GLN B 144 7.91 23.51 -23.57
CA GLN B 144 7.99 22.88 -24.88
C GLN B 144 7.76 21.35 -24.87
N HIS B 145 7.79 20.72 -23.70
CA HIS B 145 7.71 19.24 -23.54
C HIS B 145 6.39 18.64 -24.08
N PRO B 146 6.49 17.49 -24.80
CA PRO B 146 5.31 16.80 -25.35
C PRO B 146 4.14 16.63 -24.34
N SER B 147 4.47 16.50 -23.06
CA SER B 147 3.46 16.29 -22.01
C SER B 147 2.98 17.59 -21.38
N SER B 148 3.56 18.71 -21.84
CA SER B 148 3.22 20.04 -21.31
C SER B 148 2.30 20.85 -22.25
N LEU B 149 1.97 20.27 -23.39
CA LEU B 149 1.23 21.00 -24.41
C LEU B 149 -0.27 21.01 -24.12
N ILE B 150 -0.74 20.04 -23.34
CA ILE B 150 -2.18 19.92 -23.03
C ILE B 150 -2.62 20.79 -21.83
N PHE B 151 -1.64 21.49 -21.24
CA PHE B 151 -1.86 22.41 -20.11
C PHE B 151 -1.87 23.89 -20.56
N PRO B 152 -2.47 24.79 -19.73
CA PRO B 152 -2.34 26.23 -20.06
C PRO B 152 -0.95 26.80 -19.72
N HIS B 153 -0.71 28.07 -20.04
CA HIS B 153 0.38 28.82 -19.40
C HIS B 153 0.02 29.01 -17.91
N PHE B 154 0.95 28.69 -17.00
CA PHE B 154 0.75 28.93 -15.57
C PHE B 154 1.53 30.16 -15.10
N GLY B 155 1.02 30.80 -14.05
CA GLY B 155 1.74 31.89 -13.38
C GLY B 155 1.94 33.20 -14.15
N PHE B 160 11.14 32.23 -15.08
CA PHE B 160 12.28 31.50 -15.65
C PHE B 160 12.91 32.09 -16.93
N THR B 161 14.14 32.59 -16.80
CA THR B 161 14.91 33.14 -17.92
C THR B 161 15.23 32.04 -18.90
N GLU B 162 15.26 32.40 -20.18
CA GLU B 162 15.45 31.45 -21.29
C GLU B 162 16.82 30.76 -21.23
N GLU B 163 17.65 31.17 -20.26
CA GLU B 163 18.90 30.48 -19.99
C GLU B 163 18.61 29.16 -19.28
N GLU B 164 17.88 29.24 -18.17
CA GLU B 164 17.48 28.07 -17.40
C GLU B 164 16.67 27.07 -18.19
N LEU B 165 15.68 27.57 -18.94
CA LEU B 165 14.72 26.70 -19.62
C LEU B 165 15.36 25.79 -20.67
N ALA B 166 16.46 26.26 -21.26
CA ALA B 166 17.21 25.48 -22.23
C ALA B 166 18.13 24.48 -21.53
N ASP B 167 18.55 24.80 -20.31
CA ASP B 167 19.30 23.87 -19.47
C ASP B 167 18.36 22.82 -18.81
N PHE B 168 17.23 23.30 -18.27
CA PHE B 168 16.17 22.46 -17.71
C PHE B 168 15.69 21.42 -18.71
N GLU B 169 16.03 21.63 -19.99
CA GLU B 169 15.66 20.70 -21.02
C GLU B 169 16.67 19.55 -21.02
N THR B 170 16.22 18.35 -21.37
CA THR B 170 17.06 17.15 -21.30
C THR B 170 17.91 17.15 -20.00
N LEU B 171 17.22 17.35 -18.88
CA LEU B 171 17.77 17.29 -17.52
C LEU B 171 16.91 16.24 -16.82
N PRO B 172 17.50 15.35 -15.99
CA PRO B 172 16.70 14.27 -15.41
C PRO B 172 15.70 14.82 -14.39
N ILE B 173 14.49 14.26 -14.37
CA ILE B 173 13.36 14.80 -13.62
C ILE B 173 13.67 15.15 -12.15
N GLU B 174 14.55 14.36 -11.54
CA GLU B 174 14.79 14.52 -10.12
C GLU B 174 15.66 15.72 -9.86
N GLU B 175 16.62 15.96 -10.75
CA GLU B 175 17.48 17.13 -10.71
C GLU B 175 16.72 18.41 -11.09
N LEU B 176 15.89 18.31 -12.13
CA LEU B 176 14.90 19.36 -12.41
C LEU B 176 14.06 19.72 -11.18
N MET B 177 13.54 18.69 -10.49
CA MET B 177 12.70 18.95 -9.33
C MET B 177 13.46 19.75 -8.30
N GLU B 178 14.75 19.41 -8.14
CA GLU B 178 15.68 20.06 -7.21
C GLU B 178 16.03 21.51 -7.60
N ALA B 179 16.37 21.75 -8.86
CA ALA B 179 16.61 23.11 -9.34
C ALA B 179 15.37 23.99 -9.11
N PHE B 180 14.21 23.42 -9.44
CA PHE B 180 12.96 24.08 -9.20
C PHE B 180 12.78 24.46 -7.74
N PHE B 181 13.12 23.53 -6.86
CA PHE B 181 12.87 23.74 -5.45
C PHE B 181 13.85 24.72 -4.87
N GLU B 182 14.99 24.87 -5.52
CA GLU B 182 16.04 25.77 -5.08
C GLU B 182 15.57 27.22 -5.20
N ARG B 183 15.09 27.57 -6.40
CA ARG B 183 14.54 28.91 -6.69
C ARG B 183 13.35 29.29 -5.81
N ALA B 184 12.52 28.27 -5.56
CA ALA B 184 11.31 28.38 -4.78
C ALA B 184 11.65 28.56 -3.31
N LEU B 185 12.58 27.77 -2.80
CA LEU B 185 12.90 27.85 -1.36
C LEU B 185 13.71 29.11 -1.03
N ALA B 186 14.53 29.55 -2.00
CA ALA B 186 15.25 30.84 -1.94
C ALA B 186 14.27 32.03 -1.82
N ARG B 187 13.30 32.08 -2.73
CA ARG B 187 12.17 33.00 -2.61
C ARG B 187 11.47 32.93 -1.25
N ALA B 188 11.33 31.71 -0.73
CA ALA B 188 10.71 31.53 0.57
C ALA B 188 11.59 32.10 1.69
N ALA B 189 12.88 31.77 1.66
CA ALA B 189 13.83 32.22 2.68
C ALA B 189 13.97 33.75 2.70
N GLU B 190 13.88 34.35 1.52
CA GLU B 190 13.98 35.79 1.35
C GLU B 190 12.77 36.55 1.90
N ALA B 191 11.58 35.98 1.75
CA ALA B 191 10.36 36.58 2.30
C ALA B 191 10.24 36.36 3.79
N GLY B 192 11.13 35.56 4.36
CA GLY B 192 11.10 35.28 5.78
C GLY B 192 10.02 34.32 6.24
N ILE B 193 9.70 33.31 5.43
CA ILE B 193 8.75 32.26 5.83
C ILE B 193 9.55 31.29 6.69
N ALA B 194 9.00 30.94 7.86
CA ALA B 194 9.64 29.95 8.73
C ALA B 194 9.58 28.57 8.07
N PRO B 195 10.73 27.88 7.99
CA PRO B 195 10.87 26.61 7.22
C PRO B 195 10.00 25.43 7.73
N GLU B 196 9.51 25.52 8.97
CA GLU B 196 8.56 24.55 9.56
C GLU B 196 7.15 24.74 8.99
N ASN B 197 6.99 25.85 8.24
CA ASN B 197 5.73 26.27 7.60
C ASN B 197 5.62 25.91 6.12
N ILE B 198 6.67 25.27 5.60
CA ILE B 198 6.78 24.79 4.22
C ILE B 198 6.41 23.29 4.11
N LEU B 199 5.74 22.92 3.00
CA LEU B 199 5.55 21.51 2.58
C LEU B 199 6.07 21.37 1.16
N LEU B 200 6.60 20.20 0.80
CA LEU B 200 6.96 19.99 -0.61
C LEU B 200 6.00 19.06 -1.31
N ASP B 201 5.64 19.39 -2.55
CA ASP B 201 4.79 18.53 -3.36
C ASP B 201 5.54 18.21 -4.63
N PRO B 202 5.76 16.90 -4.91
CA PRO B 202 6.44 16.53 -6.17
C PRO B 202 5.66 16.78 -7.46
N GLY B 203 4.40 17.20 -7.36
CA GLY B 203 3.64 17.66 -8.55
C GLY B 203 3.21 16.55 -9.48
N ILE B 204 2.79 15.44 -8.88
CA ILE B 204 2.44 14.21 -9.59
C ILE B 204 1.32 14.39 -10.64
N GLY B 205 1.53 13.87 -11.84
CA GLY B 205 0.58 13.95 -12.96
C GLY B 205 0.45 15.30 -13.66
N PHE B 206 1.44 16.17 -13.50
CA PHE B 206 1.39 17.55 -14.00
C PHE B 206 2.41 17.82 -15.11
N GLY B 207 2.25 17.25 -16.30
CA GLY B 207 3.24 17.43 -17.37
C GLY B 207 4.44 16.49 -17.31
N LEU B 208 4.19 15.36 -16.64
CA LEU B 208 5.18 14.37 -16.31
C LEU B 208 4.78 13.16 -17.09
N THR B 209 5.75 12.36 -17.53
CA THR B 209 5.45 11.16 -18.29
C THR B 209 5.09 10.01 -17.31
N LYS B 210 4.78 8.83 -17.85
CA LYS B 210 4.46 7.70 -17.00
C LYS B 210 5.66 7.40 -16.09
N LYS B 211 6.82 7.10 -16.69
CA LYS B 211 8.05 6.78 -15.93
C LYS B 211 8.36 7.87 -14.91
N GLU B 212 8.35 9.13 -15.33
CA GLU B 212 8.71 10.23 -14.41
C GLU B 212 7.81 10.26 -13.17
N ASN B 213 6.49 10.07 -13.35
CA ASN B 213 5.47 10.00 -12.27
C ASN B 213 5.74 8.89 -11.24
N LEU B 214 6.00 7.69 -11.75
CA LEU B 214 6.38 6.56 -10.95
C LEU B 214 7.76 6.74 -10.28
N LEU B 215 8.64 7.55 -10.89
CA LEU B 215 9.98 7.71 -10.38
C LEU B 215 10.01 8.61 -9.16
N LEU B 216 9.17 9.64 -9.19
CA LEU B 216 9.00 10.54 -8.06
C LEU B 216 8.20 9.85 -6.95
N LEU B 217 7.33 8.92 -7.33
CA LEU B 217 6.63 8.13 -6.35
C LEU B 217 7.62 7.16 -5.73
N ARG B 218 8.46 6.53 -6.52
CA ARG B 218 9.48 5.62 -5.94
C ARG B 218 10.38 6.30 -4.94
N ASP B 219 10.73 7.54 -5.23
CA ASP B 219 11.77 8.25 -4.51
C ASP B 219 11.25 9.24 -3.50
N LEU B 220 10.13 8.92 -2.86
CA LEU B 220 9.48 9.86 -1.94
C LEU B 220 10.34 10.20 -0.74
N ASP B 221 11.18 9.26 -0.33
CA ASP B 221 12.08 9.45 0.81
C ASP B 221 13.24 10.39 0.52
N LYS B 222 13.80 10.29 -0.69
CA LYS B 222 14.72 11.29 -1.27
C LYS B 222 14.21 12.71 -1.11
N LEU B 223 12.90 12.88 -1.16
CA LEU B 223 12.29 14.20 -0.99
C LEU B 223 12.12 14.52 0.47
N HIS B 224 11.85 13.47 1.26
CA HIS B 224 11.78 13.61 2.71
C HIS B 224 13.15 14.00 3.27
N GLN B 225 14.22 13.48 2.67
CA GLN B 225 15.60 13.79 3.08
C GLN B 225 16.01 15.25 2.96
N LYS B 226 15.16 16.07 2.39
CA LYS B 226 15.47 17.47 2.16
C LYS B 226 15.06 18.27 3.38
N GLY B 227 14.30 17.64 4.27
CA GLY B 227 13.97 18.20 5.59
C GLY B 227 12.55 18.68 5.81
N TYR B 228 11.69 18.52 4.81
CA TYR B 228 10.33 19.10 4.77
C TYR B 228 9.25 18.04 4.82
N PRO B 229 8.05 18.39 5.33
CA PRO B 229 6.88 17.54 5.21
C PRO B 229 6.40 17.39 3.75
N ILE B 230 5.85 16.25 3.39
CA ILE B 230 5.37 16.05 2.02
C ILE B 230 3.86 16.21 1.88
N PHE B 231 3.45 17.03 0.92
CA PHE B 231 2.06 17.15 0.50
C PHE B 231 1.93 16.34 -0.78
N LEU B 232 1.18 15.26 -0.78
CA LEU B 232 1.08 14.47 -2.03
C LEU B 232 -0.30 14.47 -2.64
N GLY B 233 -0.36 14.72 -3.94
CA GLY B 233 -1.57 14.61 -4.75
C GLY B 233 -1.64 13.26 -5.40
N VAL B 234 -2.38 12.36 -4.78
CA VAL B 234 -2.41 10.91 -5.12
C VAL B 234 -3.69 10.49 -5.89
N SER B 235 -4.61 11.42 -6.04
CA SER B 235 -5.99 11.08 -6.28
C SER B 235 -6.45 11.19 -7.73
N ARG B 236 -6.90 10.06 -8.29
CA ARG B 236 -7.52 9.97 -9.63
C ARG B 236 -6.59 10.49 -10.75
N LYS B 237 -5.31 10.18 -10.59
CA LYS B 237 -4.26 10.56 -11.53
C LYS B 237 -4.23 9.68 -12.77
N ARG B 238 -3.92 10.30 -13.90
CA ARG B 238 -3.88 9.63 -15.19
C ARG B 238 -3.11 8.29 -15.23
N PHE B 239 -1.87 8.26 -14.75
CA PHE B 239 -0.99 7.07 -14.92
C PHE B 239 -1.50 5.90 -14.09
N VAL B 240 -2.34 6.20 -13.13
CA VAL B 240 -2.92 5.19 -12.26
C VAL B 240 -4.07 4.51 -13.05
N ILE B 241 -4.84 5.30 -13.77
CA ILE B 241 -5.95 4.81 -14.56
C ILE B 241 -5.37 3.96 -15.67
N ASN B 242 -4.24 4.39 -16.22
CA ASN B 242 -3.58 3.63 -17.29
C ASN B 242 -2.92 2.34 -16.81
N ILE B 243 -2.30 2.30 -15.64
CA ILE B 243 -1.86 1.01 -15.07
C ILE B 243 -3.06 0.02 -14.94
N LEU B 244 -4.19 0.53 -14.43
CA LEU B 244 -5.40 -0.25 -14.31
C LEU B 244 -5.84 -0.81 -15.64
N GLU B 245 -6.03 0.11 -16.60
CA GLU B 245 -6.46 -0.21 -17.97
C GLU B 245 -5.52 -1.26 -18.52
N GLU B 246 -4.21 -0.98 -18.51
CA GLU B 246 -3.19 -1.95 -18.92
C GLU B 246 -3.32 -3.31 -18.29
N ASN B 247 -3.89 -3.38 -17.10
CA ASN B 247 -3.99 -4.69 -16.45
C ASN B 247 -5.40 -5.22 -16.45
N GLY B 248 -6.23 -4.67 -17.30
CA GLY B 248 -7.52 -5.25 -17.59
C GLY B 248 -8.61 -4.93 -16.60
N PHE B 249 -8.39 -3.86 -15.84
CA PHE B 249 -9.41 -3.40 -14.91
C PHE B 249 -10.34 -2.43 -15.62
N GLU B 250 -11.61 -2.40 -15.19
CA GLU B 250 -12.57 -1.44 -15.72
C GLU B 250 -12.25 -0.05 -15.15
N VAL B 251 -12.08 0.93 -16.05
CA VAL B 251 -11.70 2.29 -15.65
C VAL B 251 -12.74 3.34 -16.01
N ASN B 252 -13.91 2.92 -16.48
CA ASN B 252 -14.96 3.86 -16.89
C ASN B 252 -15.59 4.57 -15.71
N PRO B 253 -15.37 5.91 -15.59
CA PRO B 253 -15.88 6.70 -14.46
C PRO B 253 -17.42 6.70 -14.28
N GLU B 254 -18.12 6.11 -15.25
CA GLU B 254 -19.58 6.14 -15.27
C GLU B 254 -20.21 4.78 -14.93
N THR B 255 -19.33 3.81 -14.70
CA THR B 255 -19.73 2.56 -14.12
C THR B 255 -19.41 2.67 -12.62
N GLU B 256 -20.26 2.05 -11.81
CA GLU B 256 -19.96 1.83 -10.43
C GLU B 256 -18.56 1.17 -10.27
N LEU B 257 -18.29 0.14 -11.08
CA LEU B 257 -17.03 -0.60 -11.01
C LEU B 257 -15.78 0.24 -11.33
N GLY B 258 -15.81 0.93 -12.50
CA GLY B 258 -14.76 1.82 -12.96
C GLY B 258 -14.47 2.97 -12.02
N PHE B 259 -15.52 3.66 -11.56
CA PHE B 259 -15.41 4.72 -10.56
C PHE B 259 -14.74 4.29 -9.24
N ARG B 260 -15.26 3.22 -8.65
CA ARG B 260 -14.69 2.58 -7.46
C ARG B 260 -13.24 2.16 -7.62
N ASN B 261 -12.92 1.35 -8.65
CA ASN B 261 -11.56 0.93 -9.00
C ASN B 261 -10.53 2.08 -9.00
N ARG B 262 -10.92 3.20 -9.61
CA ARG B 262 -10.07 4.37 -9.76
C ARG B 262 -9.68 4.94 -8.41
N ASP B 263 -10.61 4.93 -7.47
CA ASP B 263 -10.30 5.35 -6.13
C ASP B 263 -9.58 4.27 -5.33
N THR B 264 -9.89 2.99 -5.57
CA THR B 264 -9.16 1.92 -4.87
C THR B 264 -7.68 1.91 -5.24
N ALA B 265 -7.37 2.13 -6.50
CA ALA B 265 -5.99 2.14 -6.95
C ALA B 265 -5.20 3.32 -6.34
N SER B 266 -5.82 4.49 -6.22
CA SER B 266 -5.21 5.67 -5.58
C SER B 266 -4.93 5.39 -4.12
N ALA B 267 -5.84 4.65 -3.47
CA ALA B 267 -5.67 4.27 -2.06
C ALA B 267 -4.48 3.35 -1.89
N HIS B 268 -4.12 2.60 -2.93
CA HIS B 268 -2.92 1.76 -2.91
C HIS B 268 -1.62 2.57 -3.00
N VAL B 269 -1.73 3.78 -3.58
CA VAL B 269 -0.60 4.68 -3.67
C VAL B 269 -0.47 5.35 -2.30
N THR B 270 -1.60 5.69 -1.72
CA THR B 270 -1.62 6.33 -0.43
C THR B 270 -1.18 5.40 0.66
N SER B 271 -1.43 4.10 0.47
CA SER B 271 -1.04 3.09 1.43
C SER B 271 0.48 3.10 1.60
N ILE B 272 1.19 3.13 0.47
CA ILE B 272 2.66 3.22 0.35
C ILE B 272 3.19 4.60 0.84
N ALA B 273 2.48 5.65 0.50
CA ALA B 273 2.81 7.00 0.93
C ALA B 273 2.75 7.14 2.45
N ALA B 274 1.68 6.63 3.05
CA ALA B 274 1.51 6.59 4.51
C ALA B 274 2.53 5.71 5.19
N ARG B 275 2.90 4.62 4.56
CA ARG B 275 3.96 3.77 5.07
C ARG B 275 5.31 4.50 5.13
N GLN B 276 5.54 5.45 4.21
CA GLN B 276 6.83 6.11 4.11
C GLN B 276 6.73 7.41 4.84
N GLY B 277 5.62 7.66 5.48
CA GLY B 277 5.50 8.79 6.36
C GLY B 277 4.90 10.04 5.73
N VAL B 278 4.43 9.98 4.49
CA VAL B 278 3.96 11.20 3.83
C VAL B 278 2.98 11.89 4.76
N GLU B 279 3.24 13.18 4.98
CA GLU B 279 2.52 13.99 5.97
C GLU B 279 1.06 14.25 5.61
N VAL B 280 0.82 14.69 4.37
CA VAL B 280 -0.53 14.96 3.85
C VAL B 280 -0.74 14.28 2.50
N VAL B 281 -1.95 13.76 2.27
CA VAL B 281 -2.38 13.38 0.93
C VAL B 281 -3.68 14.11 0.58
N ARG B 282 -3.71 14.67 -0.62
CA ARG B 282 -4.86 15.42 -1.20
C ARG B 282 -5.74 14.51 -2.04
N VAL B 283 -6.99 14.32 -1.64
CA VAL B 283 -7.81 13.24 -2.22
C VAL B 283 -9.29 13.58 -2.52
N HIS B 284 -9.89 12.93 -3.52
CA HIS B 284 -11.32 13.17 -3.83
C HIS B 284 -12.32 12.34 -2.98
N ASP B 285 -11.93 11.08 -2.70
CA ASP B 285 -12.73 10.14 -1.93
C ASP B 285 -11.96 9.74 -0.71
N VAL B 286 -12.25 10.48 0.36
CA VAL B 286 -11.65 10.38 1.68
C VAL B 286 -11.82 9.00 2.33
N ALA B 287 -12.97 8.35 2.15
CA ALA B 287 -13.20 7.10 2.84
C ALA B 287 -12.20 6.03 2.42
N SER B 288 -11.94 5.92 1.12
CA SER B 288 -11.09 4.85 0.59
C SER B 288 -9.63 5.10 0.93
N HIS B 289 -9.25 6.38 0.98
CA HIS B 289 -7.94 6.81 1.47
C HIS B 289 -7.77 6.71 2.99
N ARG B 290 -8.81 7.03 3.73
CA ARG B 290 -8.81 6.73 5.16
C ARG B 290 -8.52 5.24 5.50
N MET B 291 -9.00 4.33 4.69
CA MET B 291 -8.74 2.94 4.90
C MET B 291 -7.28 2.65 4.77
N ALA B 292 -6.64 3.26 3.77
CA ALA B 292 -5.26 3.02 3.37
C ALA B 292 -4.32 3.58 4.41
N VAL B 293 -4.62 4.79 4.81
CA VAL B 293 -3.88 5.47 5.84
C VAL B 293 -3.96 4.72 7.16
N GLU B 294 -5.13 4.17 7.46
CA GLU B 294 -5.31 3.59 8.77
C GLU B 294 -4.45 2.36 8.88
N ILE B 295 -4.50 1.56 7.82
CA ILE B 295 -3.75 0.33 7.75
C ILE B 295 -2.23 0.61 7.73
N ALA B 296 -1.79 1.51 6.85
CA ALA B 296 -0.39 1.83 6.62
C ALA B 296 0.30 2.47 7.83
N SER B 297 -0.35 3.49 8.43
CA SER B 297 0.16 4.10 9.66
C SER B 297 0.26 3.13 10.85
N ALA B 298 -0.73 2.24 11.02
CA ALA B 298 -0.65 1.18 12.01
C ALA B 298 0.59 0.26 11.83
N ILE B 299 1.01 0.03 10.59
CA ILE B 299 2.21 -0.76 10.32
C ILE B 299 3.45 0.11 10.59
N ARG B 300 3.49 1.30 9.98
CA ARG B 300 4.58 2.26 10.19
C ARG B 300 4.75 2.57 11.67
N LEU B 301 3.64 2.90 12.33
CA LEU B 301 3.66 3.30 13.72
C LEU B 301 3.47 2.13 14.69
N ALA B 302 4.05 0.97 14.34
CA ALA B 302 4.01 -0.22 15.19
C ALA B 302 5.08 -0.12 16.25
N5 PMM C . -2.80 -18.73 6.75
C6 PMM C . -3.74 -19.69 6.76
C7 PMM C . -3.39 -20.97 6.34
N8 PMM C . -2.17 -21.27 5.91
N1 PMM C . 0.01 -20.59 5.45
C2 PMM C . 0.96 -19.63 5.44
N2 PMM C . 2.17 -19.96 5.02
N3 PMM C . 0.76 -18.36 5.84
C4 PMM C . -0.41 -17.97 6.28
O4 PMM C . -0.48 -16.67 6.66
C4A PMM C . -1.54 -18.97 6.34
C8A PMM C . -1.23 -20.34 5.88
C9 PMM C . -5.15 -19.32 7.24
O10 PMM C . -6.35 -19.79 6.59
PA PMM C . -6.72 -19.94 5.07
O1P PMM C . -6.46 -21.32 4.76
O2P PMM C . -8.05 -19.49 4.76
O3P PMM C . -5.80 -19.00 4.55
P PO4 D . -5.66 -11.60 -16.32
O1 PO4 D . -4.27 -12.19 -16.88
O2 PO4 D . -6.86 -12.47 -16.77
O3 PO4 D . -5.62 -11.62 -14.78
O4 PO4 D . -5.92 -10.11 -16.85
#